data_4HTY
#
_entry.id   4HTY
#
_cell.length_a   137.771
_cell.length_b   137.771
_cell.length_c   137.771
_cell.angle_alpha   90.00
_cell.angle_beta   90.00
_cell.angle_gamma   90.00
#
_symmetry.space_group_name_H-M   'P 21 3'
#
loop_
_entity.id
_entity.type
_entity.pdbx_description
1 polymer Cellulase
2 non-polymer GLYCEROL
3 water water
#
_entity_poly.entity_id   1
_entity_poly.type   'polypeptide(L)'
_entity_poly.pdbx_seq_one_letter_code
;(MSE)GSSHHHHHHSSGLVPRGSH(MSE)DNAWETTSGWWNASDIPAFDKSKITRQLPLIKVEGNRFVDEQGKTIVFRGV
NISDPDKIDKDKRFSKKHFEVIRSWGANVVRVPVHPRAWKERGVKGYLELLDQVVAWNNELGIYTILDWHSIGNLKSE
(MSE)FQNNSYHTTKGETFDFWRRVSERYNGINSVAFYEIFNEPTVFNGRLGIATWAEWKAINEEAITIIQAHNPKAIAL
VAGFNWAYDLKEAAANPIDRQNIAYVSHPYPQKVGAPYQANWERDFGF(MSE)ADKYPVFATEIGYQRATDKGAHIPVID
DGSYGPRITDYFNSKGISWVAWVFDPDWSPQLFTDYQTYTPT(MSE)QGEHFRKV(MSE)LQDNK
;
_entity_poly.pdbx_strand_id   A
#
# COMPACT_ATOMS: atom_id res chain seq x y z
N GLY A 30 18.84 5.91 15.99
CA GLY A 30 18.22 4.90 15.09
C GLY A 30 18.81 4.85 13.63
N TRP A 31 18.07 5.46 12.68
CA TRP A 31 18.39 5.36 11.26
C TRP A 31 19.72 6.08 10.96
N TRP A 32 20.01 7.14 11.76
CA TRP A 32 21.17 8.02 11.57
C TRP A 32 22.46 7.37 12.12
N ASN A 33 22.33 6.23 12.82
CA ASN A 33 23.43 5.43 13.43
C ASN A 33 23.77 4.13 12.76
N ALA A 34 22.98 3.72 11.77
CA ALA A 34 23.18 2.47 11.09
C ALA A 34 24.53 2.56 10.31
N SER A 35 25.23 1.42 10.17
CA SER A 35 26.05 1.20 8.92
C SER A 35 26.50 -0.24 8.63
N ASP A 36 27.41 -0.39 7.64
CA ASP A 36 27.79 -1.72 7.11
C ASP A 36 26.45 -2.45 6.75
N ILE A 37 25.64 -1.76 5.93
CA ILE A 37 24.46 -2.47 5.39
C ILE A 37 24.87 -3.10 4.08
N PRO A 38 24.85 -4.44 4.02
CA PRO A 38 25.22 -5.14 2.75
C PRO A 38 24.20 -4.78 1.59
N ALA A 39 24.63 -4.85 0.34
CA ALA A 39 23.72 -4.58 -0.84
C ALA A 39 22.71 -5.75 -0.95
N PHE A 40 21.64 -5.54 -1.69
CA PHE A 40 20.72 -6.64 -1.95
C PHE A 40 21.46 -7.87 -2.58
N ASP A 41 21.23 -9.04 -2.02
CA ASP A 41 21.89 -10.24 -2.58
C ASP A 41 21.17 -10.72 -3.92
N LYS A 42 21.79 -10.43 -5.05
CA LYS A 42 21.22 -10.68 -6.37
C LYS A 42 21.00 -12.17 -6.65
N SER A 43 21.69 -13.06 -5.94
CA SER A 43 21.46 -14.48 -6.24
C SER A 43 20.12 -14.96 -5.62
N LYS A 44 19.43 -14.11 -4.84
CA LYS A 44 18.12 -14.54 -4.29
C LYS A 44 17.01 -14.37 -5.38
N ILE A 45 17.36 -13.75 -6.51
CA ILE A 45 16.42 -13.42 -7.56
C ILE A 45 16.83 -14.06 -8.93
N THR A 46 15.92 -14.65 -9.66
CA THR A 46 16.40 -15.30 -10.85
C THR A 46 15.59 -14.94 -12.07
N ARG A 47 14.67 -13.97 -11.97
CA ARG A 47 13.85 -13.63 -13.12
C ARG A 47 13.52 -12.14 -12.93
N GLN A 48 13.13 -11.52 -14.02
CA GLN A 48 12.76 -10.10 -14.01
C GLN A 48 11.31 -10.06 -14.43
N LEU A 49 10.38 -9.49 -13.64
CA LEU A 49 9.02 -9.30 -14.13
C LEU A 49 8.99 -8.16 -15.18
N PRO A 50 7.96 -8.12 -16.03
CA PRO A 50 7.76 -6.97 -16.96
C PRO A 50 7.68 -5.65 -16.18
N LEU A 51 8.30 -4.66 -16.77
CA LEU A 51 8.37 -3.28 -16.25
C LEU A 51 6.95 -2.68 -16.35
N ILE A 52 6.48 -2.03 -15.28
CA ILE A 52 5.16 -1.43 -15.35
C ILE A 52 5.42 0.09 -15.42
N LYS A 53 4.64 0.82 -16.18
CA LYS A 53 4.73 2.28 -16.10
C LYS A 53 3.33 2.91 -16.16
N VAL A 54 3.23 4.20 -15.86
CA VAL A 54 1.96 4.88 -15.97
C VAL A 54 1.86 5.44 -17.43
N GLU A 55 0.73 5.29 -18.08
CA GLU A 55 0.49 5.99 -19.39
C GLU A 55 -0.89 6.62 -19.22
N GLY A 56 -0.95 7.94 -19.13
CA GLY A 56 -2.26 8.68 -18.93
C GLY A 56 -2.93 8.13 -17.64
N ASN A 57 -4.14 7.60 -17.70
CA ASN A 57 -4.77 7.10 -16.50
C ASN A 57 -4.61 5.66 -16.24
N ARG A 58 -3.63 4.97 -16.88
CA ARG A 58 -3.64 3.51 -16.62
C ARG A 58 -2.21 3.09 -16.26
N PHE A 59 -2.09 1.92 -15.63
CA PHE A 59 -0.80 1.23 -15.62
C PHE A 59 -0.67 0.36 -16.87
N VAL A 60 0.51 0.35 -17.47
CA VAL A 60 0.68 -0.48 -18.63
C VAL A 60 2.03 -1.21 -18.58
N ASP A 61 2.09 -2.35 -19.25
CA ASP A 61 3.36 -3.06 -19.42
C ASP A 61 4.04 -2.51 -20.68
N GLU A 62 5.15 -3.07 -21.12
CA GLU A 62 5.91 -2.25 -22.13
C GLU A 62 5.43 -2.53 -23.59
N GLN A 63 4.52 -3.53 -23.78
CA GLN A 63 3.68 -3.52 -25.03
C GLN A 63 2.50 -2.58 -24.98
N GLY A 64 2.27 -1.89 -23.88
CA GLY A 64 1.15 -0.97 -23.90
C GLY A 64 -0.19 -1.60 -23.42
N LYS A 65 -0.20 -2.86 -22.99
CA LYS A 65 -1.40 -3.52 -22.45
C LYS A 65 -1.73 -2.99 -21.02
N THR A 66 -2.98 -2.64 -20.75
CA THR A 66 -3.43 -2.15 -19.48
C THR A 66 -3.33 -3.21 -18.45
N ILE A 67 -2.77 -2.96 -17.24
CA ILE A 67 -2.82 -4.00 -16.22
C ILE A 67 -3.64 -3.41 -15.02
N VAL A 68 -4.50 -4.19 -14.37
CA VAL A 68 -5.21 -3.70 -13.21
C VAL A 68 -4.68 -4.65 -12.09
N PHE A 69 -4.28 -4.13 -10.93
CA PHE A 69 -3.73 -4.97 -9.86
C PHE A 69 -4.78 -5.17 -8.79
N ARG A 70 -4.90 -6.41 -8.29
CA ARG A 70 -5.84 -6.62 -7.20
C ARG A 70 -5.07 -7.62 -6.32
N GLY A 71 -4.91 -7.27 -5.07
CA GLY A 71 -4.04 -8.17 -4.23
C GLY A 71 -4.37 -7.94 -2.74
N VAL A 72 -3.35 -8.18 -1.88
CA VAL A 72 -3.61 -8.09 -0.46
C VAL A 72 -2.44 -7.38 0.24
N ASN A 73 -2.76 -6.77 1.38
CA ASN A 73 -1.76 -6.29 2.30
C ASN A 73 -1.35 -7.48 3.19
N ILE A 74 -0.03 -7.63 3.38
CA ILE A 74 0.37 -8.52 4.46
C ILE A 74 0.43 -7.69 5.74
N SER A 75 0.58 -8.35 6.94
CA SER A 75 0.83 -7.53 8.09
C SER A 75 2.35 -7.16 8.00
N ASP A 76 2.79 -6.33 8.90
CA ASP A 76 4.24 -5.99 8.87
C ASP A 76 5.15 -7.24 8.96
N PRO A 77 6.17 -7.37 8.12
CA PRO A 77 7.08 -8.54 8.16
C PRO A 77 7.63 -8.79 9.60
N ASP A 78 7.77 -7.71 10.39
CA ASP A 78 8.26 -7.84 11.79
C ASP A 78 7.24 -8.69 12.60
N LYS A 79 5.94 -8.51 12.35
CA LYS A 79 4.95 -9.31 13.02
C LYS A 79 4.92 -10.77 12.50
N ILE A 80 4.98 -10.96 11.19
CA ILE A 80 4.94 -12.32 10.67
C ILE A 80 6.15 -13.15 11.24
N ASP A 81 7.32 -12.50 11.28
CA ASP A 81 8.50 -13.14 11.84
C ASP A 81 8.37 -13.50 13.38
N LYS A 82 7.85 -12.58 14.18
CA LYS A 82 7.57 -12.88 15.61
C LYS A 82 6.51 -13.96 15.74
N ASP A 83 5.62 -14.14 14.75
CA ASP A 83 4.67 -15.26 14.80
C ASP A 83 5.34 -16.56 14.32
N LYS A 84 6.59 -16.55 13.85
CA LYS A 84 7.26 -17.75 13.33
C LYS A 84 6.54 -18.24 12.08
N ARG A 85 6.03 -17.33 11.26
CA ARG A 85 5.35 -17.75 10.02
C ARG A 85 6.02 -17.12 8.83
N PHE A 86 7.20 -16.58 9.05
CA PHE A 86 7.91 -15.83 7.98
C PHE A 86 8.64 -16.82 7.06
N SER A 87 7.94 -17.41 6.10
CA SER A 87 8.59 -18.38 5.22
C SER A 87 7.86 -18.25 3.85
N LYS A 88 8.44 -18.80 2.81
CA LYS A 88 7.89 -18.63 1.47
C LYS A 88 6.51 -19.23 1.41
N LYS A 89 6.22 -20.23 2.20
CA LYS A 89 4.88 -20.79 2.13
C LYS A 89 3.66 -19.89 2.51
N HIS A 90 3.90 -18.87 3.33
CA HIS A 90 2.82 -17.87 3.61
C HIS A 90 2.55 -17.12 2.32
N PHE A 91 3.59 -16.74 1.55
CA PHE A 91 3.39 -15.99 0.29
C PHE A 91 2.84 -16.91 -0.83
N GLU A 92 3.17 -18.22 -0.78
CA GLU A 92 2.53 -19.13 -1.79
C GLU A 92 1.03 -19.23 -1.52
N VAL A 93 0.58 -19.09 -0.27
CA VAL A 93 -0.89 -19.10 -0.07
C VAL A 93 -1.46 -17.88 -0.75
N ILE A 94 -0.74 -16.72 -0.68
CA ILE A 94 -1.30 -15.47 -1.35
C ILE A 94 -1.39 -15.74 -2.86
N ARG A 95 -0.37 -16.38 -3.41
CA ARG A 95 -0.39 -16.64 -4.85
C ARG A 95 -1.59 -17.55 -5.18
N SER A 96 -1.88 -18.52 -4.32
CA SER A 96 -3.04 -19.37 -4.62
C SER A 96 -4.39 -18.66 -4.49
N TRP A 97 -4.46 -17.49 -3.84
CA TRP A 97 -5.71 -16.76 -3.82
C TRP A 97 -5.80 -15.84 -5.09
N GLY A 98 -4.84 -15.87 -5.99
CA GLY A 98 -5.05 -15.13 -7.26
C GLY A 98 -4.40 -13.70 -7.24
N ALA A 99 -3.84 -13.27 -6.10
CA ALA A 99 -3.35 -11.85 -5.98
C ALA A 99 -2.24 -11.63 -7.05
N ASN A 100 -2.17 -10.42 -7.62
CA ASN A 100 -1.02 -10.19 -8.50
C ASN A 100 -0.15 -9.03 -7.91
N VAL A 101 -0.49 -8.58 -6.68
CA VAL A 101 0.33 -7.58 -6.01
C VAL A 101 0.23 -7.81 -4.50
N VAL A 102 1.28 -7.46 -3.74
CA VAL A 102 1.18 -7.53 -2.29
C VAL A 102 1.72 -6.18 -1.75
N ARG A 103 1.02 -5.61 -0.78
CA ARG A 103 1.50 -4.35 -0.23
C ARG A 103 2.12 -4.72 1.13
N VAL A 104 3.26 -4.09 1.38
CA VAL A 104 4.05 -4.44 2.59
C VAL A 104 4.06 -3.16 3.51
N PRO A 105 3.32 -3.19 4.61
CA PRO A 105 3.23 -1.93 5.39
C PRO A 105 4.39 -1.91 6.39
N VAL A 106 5.44 -1.10 6.16
CA VAL A 106 6.57 -0.99 7.06
C VAL A 106 6.14 -0.01 8.11
N HIS A 107 6.03 -0.45 9.37
CA HIS A 107 5.64 0.52 10.42
C HIS A 107 6.90 1.15 10.98
N PRO A 108 6.88 2.42 11.22
CA PRO A 108 8.12 3.12 11.64
C PRO A 108 8.58 2.54 12.98
N ARG A 109 7.65 2.06 13.79
CA ARG A 109 8.11 1.54 15.04
C ARG A 109 8.88 0.22 14.89
N ALA A 110 8.45 -0.62 13.96
CA ALA A 110 9.24 -1.87 13.71
C ALA A 110 10.57 -1.57 13.01
N TRP A 111 10.60 -0.58 12.12
CA TRP A 111 11.81 -0.17 11.47
C TRP A 111 12.82 0.30 12.59
N LYS A 112 12.36 1.03 13.59
CA LYS A 112 13.29 1.44 14.72
C LYS A 112 13.65 0.28 15.61
N GLU A 113 12.71 -0.60 15.92
CA GLU A 113 13.04 -1.62 16.88
C GLU A 113 13.92 -2.78 16.28
N ARG A 114 13.77 -3.13 14.99
CA ARG A 114 14.71 -4.10 14.40
C ARG A 114 15.96 -3.37 14.01
N GLY A 115 15.84 -2.06 13.71
CA GLY A 115 17.05 -1.36 13.19
C GLY A 115 17.07 -1.50 11.69
N VAL A 116 17.83 -0.64 11.02
CA VAL A 116 17.81 -0.62 9.56
C VAL A 116 18.33 -1.98 9.03
N LYS A 117 19.45 -2.44 9.57
CA LYS A 117 20.05 -3.65 8.98
C LYS A 117 19.13 -4.86 9.24
N GLY A 118 18.60 -5.01 10.45
CA GLY A 118 17.72 -6.20 10.77
C GLY A 118 16.39 -6.12 9.96
N TYR A 119 15.87 -4.87 9.72
CA TYR A 119 14.58 -4.82 9.01
C TYR A 119 14.81 -5.09 7.50
N LEU A 120 15.87 -4.52 6.92
CA LEU A 120 16.19 -4.86 5.52
C LEU A 120 16.47 -6.33 5.28
N GLU A 121 17.02 -7.05 6.23
CA GLU A 121 17.06 -8.55 6.09
C GLU A 121 15.66 -9.17 5.86
N LEU A 122 14.64 -8.65 6.55
CA LEU A 122 13.30 -9.24 6.36
C LEU A 122 12.75 -8.69 5.00
N LEU A 123 12.92 -7.36 4.75
CA LEU A 123 12.29 -6.81 3.58
C LEU A 123 12.90 -7.38 2.27
N ASP A 124 14.22 -7.63 2.26
CA ASP A 124 14.82 -8.24 1.09
C ASP A 124 14.25 -9.68 0.84
N GLN A 125 13.90 -10.42 1.89
CA GLN A 125 13.32 -11.77 1.65
C GLN A 125 11.89 -11.66 1.09
N VAL A 126 11.08 -10.70 1.57
CA VAL A 126 9.72 -10.51 0.99
C VAL A 126 9.85 -10.12 -0.45
N VAL A 127 10.73 -9.19 -0.74
CA VAL A 127 10.88 -8.81 -2.18
C VAL A 127 11.33 -10.00 -3.06
N ALA A 128 12.29 -10.80 -2.55
CA ALA A 128 12.74 -11.93 -3.39
C ALA A 128 11.62 -12.98 -3.50
N TRP A 129 10.87 -13.26 -2.41
CA TRP A 129 9.77 -14.28 -2.54
C TRP A 129 8.69 -13.82 -3.53
N ASN A 130 8.20 -12.60 -3.36
CA ASN A 130 7.20 -12.10 -4.32
C ASN A 130 7.72 -12.13 -5.74
N ASN A 131 8.93 -11.67 -5.94
CA ASN A 131 9.53 -11.63 -7.29
C ASN A 131 9.50 -13.08 -7.92
N GLU A 132 9.96 -14.11 -7.18
CA GLU A 132 10.00 -15.51 -7.70
C GLU A 132 8.58 -16.07 -7.93
N LEU A 133 7.57 -15.58 -7.18
CA LEU A 133 6.20 -15.98 -7.36
C LEU A 133 5.50 -15.24 -8.49
N GLY A 134 6.15 -14.23 -9.09
CA GLY A 134 5.48 -13.50 -10.20
C GLY A 134 4.60 -12.38 -9.65
N ILE A 135 4.80 -11.90 -8.43
CA ILE A 135 3.80 -10.96 -7.85
C ILE A 135 4.51 -9.60 -7.62
N TYR A 136 3.89 -8.50 -7.90
CA TYR A 136 4.51 -7.19 -7.72
C TYR A 136 4.40 -6.74 -6.28
N THR A 137 5.29 -5.85 -5.85
CA THR A 137 5.35 -5.42 -4.45
C THR A 137 5.03 -3.92 -4.42
N ILE A 138 4.20 -3.51 -3.47
CA ILE A 138 4.09 -2.09 -3.05
C ILE A 138 4.80 -1.93 -1.70
N LEU A 139 5.82 -1.07 -1.65
CA LEU A 139 6.39 -0.75 -0.34
C LEU A 139 5.63 0.47 0.21
N ASP A 140 5.13 0.33 1.43
CA ASP A 140 4.24 1.33 2.04
C ASP A 140 4.96 1.79 3.35
N TRP A 141 5.22 3.10 3.50
CA TRP A 141 5.79 3.61 4.83
C TRP A 141 4.58 3.90 5.67
N HIS A 142 4.33 3.01 6.62
CA HIS A 142 2.97 2.93 7.13
C HIS A 142 2.76 3.78 8.40
N SER A 143 2.53 5.05 8.23
CA SER A 143 2.33 6.00 9.34
C SER A 143 0.96 6.66 9.09
N ILE A 144 0.36 7.27 10.11
CA ILE A 144 -0.95 7.88 9.96
C ILE A 144 -0.86 9.23 10.76
N GLY A 145 -1.17 10.36 10.09
CA GLY A 145 -1.18 11.64 10.82
C GLY A 145 -0.56 12.71 9.93
N ASN A 146 0.07 13.68 10.57
CA ASN A 146 0.37 14.92 9.90
C ASN A 146 1.90 14.98 10.04
N LEU A 147 2.61 14.52 9.01
CA LEU A 147 4.07 14.41 9.09
C LEU A 147 4.78 15.73 9.18
N LYS A 148 4.19 16.74 8.57
CA LYS A 148 4.81 18.08 8.61
C LYS A 148 4.86 18.65 10.06
N SER A 149 3.82 18.42 10.90
CA SER A 149 3.94 18.93 12.31
C SER A 149 4.36 17.82 13.26
N GLU A 150 4.56 16.58 12.76
CA GLU A 150 5.02 15.53 13.63
C GLU A 150 3.95 15.18 14.65
N PHE A 152 0.84 12.35 15.21
CA PHE A 152 0.43 11.09 14.59
C PHE A 152 -0.69 10.48 15.39
N GLN A 153 -1.37 9.54 14.73
CA GLN A 153 -2.59 8.99 15.34
C GLN A 153 -2.21 8.37 16.68
N ASN A 154 -1.14 7.60 16.74
CA ASN A 154 -0.62 7.27 18.05
C ASN A 154 0.88 7.08 17.92
N ASN A 155 1.53 6.83 19.08
CA ASN A 155 3.02 6.80 19.20
C ASN A 155 3.62 5.70 18.48
N SER A 156 2.89 4.65 18.25
CA SER A 156 3.38 3.64 17.23
C SER A 156 3.71 4.06 15.68
N TYR A 157 3.10 5.17 15.27
CA TYR A 157 3.26 5.62 13.85
C TYR A 157 4.27 6.76 13.82
N HIS A 158 4.82 7.10 14.99
CA HIS A 158 5.64 8.30 15.07
C HIS A 158 6.86 8.24 14.14
N THR A 159 7.11 9.31 13.38
CA THR A 159 8.33 9.29 12.60
C THR A 159 8.65 10.77 12.37
N THR A 160 9.65 11.05 11.57
CA THR A 160 9.95 12.47 11.24
C THR A 160 10.18 12.51 9.75
N LYS A 161 10.18 13.72 9.20
CA LYS A 161 10.53 13.88 7.76
C LYS A 161 11.93 13.33 7.43
N GLY A 162 12.92 13.54 8.31
CA GLY A 162 14.28 12.98 8.08
C GLY A 162 14.29 11.43 7.99
N GLU A 163 13.61 10.77 8.96
CA GLU A 163 13.56 9.33 8.92
C GLU A 163 12.79 8.85 7.66
N THR A 164 11.72 9.52 7.30
CA THR A 164 10.86 9.05 6.13
C THR A 164 11.69 9.15 4.86
N PHE A 165 12.39 10.31 4.70
CA PHE A 165 13.18 10.45 3.44
C PHE A 165 14.37 9.49 3.44
N ASP A 166 14.93 9.24 4.64
CA ASP A 166 16.02 8.25 4.75
C ASP A 166 15.51 6.82 4.35
N PHE A 167 14.31 6.46 4.81
CA PHE A 167 13.77 5.17 4.41
C PHE A 167 13.61 5.08 2.90
N TRP A 168 13.09 6.14 2.32
CA TRP A 168 12.88 6.05 0.84
C TRP A 168 14.20 6.05 0.09
N ARG A 169 15.16 6.84 0.58
CA ARG A 169 16.49 6.80 -0.07
C ARG A 169 17.09 5.39 -0.02
N ARG A 170 16.95 4.69 1.10
CA ARG A 170 17.64 3.39 1.19
C ARG A 170 16.89 2.34 0.37
N VAL A 171 15.55 2.31 0.41
CA VAL A 171 14.89 1.21 -0.39
C VAL A 171 14.90 1.52 -1.87
N SER A 172 14.83 2.80 -2.29
CA SER A 172 14.86 3.02 -3.78
C SER A 172 16.27 2.74 -4.33
N GLU A 173 17.26 2.93 -3.51
CA GLU A 173 18.59 2.58 -3.96
C GLU A 173 18.81 1.06 -4.00
N ARG A 174 18.28 0.34 -3.07
CA ARG A 174 18.66 -1.05 -2.94
C ARG A 174 17.79 -1.84 -3.96
N TYR A 175 16.54 -1.46 -4.25
CA TYR A 175 15.72 -2.32 -5.18
C TYR A 175 15.65 -1.78 -6.61
N ASN A 176 16.48 -0.79 -6.89
CA ASN A 176 16.56 -0.20 -8.21
C ASN A 176 16.84 -1.33 -9.26
N GLY A 177 16.19 -1.33 -10.37
CA GLY A 177 16.61 -2.51 -11.20
C GLY A 177 15.71 -3.78 -10.99
N ILE A 178 14.89 -3.92 -9.91
CA ILE A 178 14.06 -5.10 -9.78
C ILE A 178 12.67 -4.64 -10.12
N ASN A 179 12.15 -5.10 -11.28
CA ASN A 179 10.89 -4.53 -11.78
C ASN A 179 9.71 -4.92 -10.91
N SER A 180 9.84 -6.04 -10.17
CA SER A 180 8.68 -6.44 -9.34
C SER A 180 8.45 -5.44 -8.18
N VAL A 181 9.48 -4.69 -7.74
CA VAL A 181 9.22 -3.60 -6.71
C VAL A 181 8.83 -2.37 -7.48
N ALA A 182 7.56 -2.29 -7.82
CA ALA A 182 7.12 -1.38 -8.86
C ALA A 182 6.56 -0.11 -8.16
N PHE A 183 6.07 -0.21 -6.92
CA PHE A 183 5.29 0.93 -6.37
C PHE A 183 5.86 1.38 -5.02
N TYR A 184 5.94 2.70 -4.83
CA TYR A 184 6.53 3.24 -3.57
C TYR A 184 5.42 4.17 -3.02
N GLU A 185 4.75 3.72 -1.99
CA GLU A 185 3.62 4.45 -1.40
C GLU A 185 4.16 5.30 -0.18
N ILE A 186 4.33 6.57 -0.51
CA ILE A 186 5.19 7.55 0.22
C ILE A 186 4.78 7.64 1.70
N PHE A 187 3.47 7.73 1.94
CA PHE A 187 3.11 7.88 3.41
C PHE A 187 1.61 7.41 3.45
N ASN A 188 1.37 6.32 4.17
CA ASN A 188 0.09 5.56 4.15
C ASN A 188 -1.17 6.45 4.34
N GLU A 189 -1.32 7.17 5.46
CA GLU A 189 -2.64 7.87 5.69
C GLU A 189 -2.48 9.30 6.27
N PRO A 190 -2.36 10.31 5.39
CA PRO A 190 -2.30 11.69 5.83
C PRO A 190 -3.64 12.02 6.47
N THR A 191 -3.58 12.67 7.65
CA THR A 191 -4.82 13.16 8.18
C THR A 191 -4.46 14.30 9.20
N VAL A 192 -5.29 15.34 9.29
CA VAL A 192 -5.11 16.25 10.46
C VAL A 192 -6.19 16.04 11.55
N PHE A 193 -7.06 15.00 11.41
CA PHE A 193 -8.29 14.72 12.30
C PHE A 193 -9.07 16.02 12.83
N ASN A 194 -9.60 16.86 11.92
CA ASN A 194 -10.36 18.07 12.19
C ASN A 194 -9.53 19.11 12.96
N GLY A 195 -8.20 19.06 12.89
CA GLY A 195 -7.43 20.05 13.62
C GLY A 195 -6.77 19.42 14.84
N ARG A 196 -7.25 18.25 15.31
CA ARG A 196 -6.58 17.65 16.49
C ARG A 196 -5.09 17.35 16.27
N LEU A 197 -4.75 17.10 15.02
CA LEU A 197 -3.34 16.85 14.62
C LEU A 197 -2.79 18.02 13.83
N GLY A 198 -3.29 19.23 14.12
CA GLY A 198 -2.58 20.41 13.65
C GLY A 198 -3.14 20.83 12.27
N ILE A 199 -2.27 21.42 11.45
CA ILE A 199 -2.74 22.08 10.22
C ILE A 199 -1.76 21.57 9.11
N ALA A 200 -2.26 21.22 7.97
CA ALA A 200 -1.35 20.89 6.83
C ALA A 200 -2.12 21.21 5.56
N THR A 201 -1.73 22.12 4.70
CA THR A 201 -2.62 22.28 3.50
C THR A 201 -2.17 21.27 2.45
N TRP A 202 -2.94 21.13 1.40
CA TRP A 202 -2.56 20.19 0.29
C TRP A 202 -1.32 20.75 -0.37
N ALA A 203 -1.22 22.08 -0.50
CA ALA A 203 0.02 22.68 -1.11
C ALA A 203 1.26 22.26 -0.33
N GLU A 204 1.19 22.28 1.02
CA GLU A 204 2.44 21.91 1.76
C GLU A 204 2.70 20.39 1.63
N TRP A 205 1.64 19.59 1.63
CA TRP A 205 1.79 18.13 1.52
C TRP A 205 2.28 17.78 0.10
N LYS A 206 1.78 18.45 -0.92
CA LYS A 206 2.32 18.27 -2.31
C LYS A 206 3.84 18.51 -2.37
N ALA A 207 4.32 19.57 -1.70
CA ALA A 207 5.79 19.85 -1.73
C ALA A 207 6.61 18.73 -1.01
N ILE A 208 6.07 18.18 0.09
CA ILE A 208 6.81 17.08 0.70
C ILE A 208 6.78 15.82 -0.16
N ASN A 209 5.65 15.47 -0.79
CA ASN A 209 5.67 14.30 -1.63
C ASN A 209 6.56 14.59 -2.85
N GLU A 210 6.55 15.83 -3.38
CA GLU A 210 7.47 16.03 -4.56
C GLU A 210 8.94 15.77 -4.19
N GLU A 211 9.31 16.21 -3.00
CA GLU A 211 10.69 15.94 -2.59
C GLU A 211 10.94 14.40 -2.40
N ALA A 212 10.02 13.68 -1.76
CA ALA A 212 10.18 12.23 -1.62
C ALA A 212 10.27 11.53 -3.03
N ILE A 213 9.48 12.02 -3.96
CA ILE A 213 9.49 11.44 -5.29
C ILE A 213 10.81 11.79 -6.02
N THR A 214 11.29 13.02 -5.88
CA THR A 214 12.65 13.33 -6.47
C THR A 214 13.68 12.35 -5.92
N ILE A 215 13.69 12.10 -4.59
CA ILE A 215 14.69 11.17 -4.02
C ILE A 215 14.52 9.80 -4.65
N ILE A 216 13.27 9.34 -4.72
CA ILE A 216 13.09 7.95 -5.23
C ILE A 216 13.45 7.89 -6.68
N GLN A 217 12.98 8.85 -7.48
CA GLN A 217 13.29 8.71 -8.95
C GLN A 217 14.76 8.98 -9.26
N ALA A 218 15.50 9.71 -8.40
CA ALA A 218 16.97 9.89 -8.67
C ALA A 218 17.70 8.56 -8.41
N HIS A 219 17.24 7.69 -7.51
CA HIS A 219 17.89 6.40 -7.30
C HIS A 219 17.28 5.31 -8.24
N ASN A 220 15.94 5.38 -8.49
CA ASN A 220 15.21 4.26 -9.24
C ASN A 220 14.27 4.88 -10.28
N PRO A 221 14.78 5.17 -11.46
CA PRO A 221 14.08 5.93 -12.49
C PRO A 221 12.78 5.21 -12.96
N LYS A 222 12.63 3.93 -12.73
CA LYS A 222 11.36 3.23 -13.09
C LYS A 222 10.31 3.18 -11.96
N ALA A 223 10.65 3.67 -10.75
CA ALA A 223 9.69 3.60 -9.64
C ALA A 223 8.39 4.34 -9.95
N ILE A 224 7.26 3.76 -9.55
CA ILE A 224 6.01 4.54 -9.63
C ILE A 224 5.69 4.96 -8.17
N ALA A 225 5.45 6.23 -7.95
CA ALA A 225 5.15 6.65 -6.55
C ALA A 225 3.62 6.73 -6.40
N LEU A 226 3.08 6.39 -5.22
CA LEU A 226 1.64 6.45 -4.97
C LEU A 226 1.46 7.55 -3.88
N VAL A 227 0.59 8.52 -4.15
CA VAL A 227 0.50 9.71 -3.28
C VAL A 227 -0.92 9.75 -2.77
N ALA A 228 -1.12 10.19 -1.53
CA ALA A 228 -2.48 10.16 -0.93
C ALA A 228 -2.83 11.58 -0.51
N GLY A 229 -4.12 11.84 -0.33
CA GLY A 229 -4.60 13.11 0.17
C GLY A 229 -5.06 12.87 1.65
N PHE A 230 -5.84 13.83 2.17
CA PHE A 230 -6.23 13.87 3.57
C PHE A 230 -7.47 13.09 3.90
N ASN A 231 -7.97 13.26 5.12
CA ASN A 231 -9.11 12.43 5.66
C ASN A 231 -8.73 10.92 5.59
N TRP A 232 -7.51 10.58 6.07
CA TRP A 232 -6.97 9.23 6.15
C TRP A 232 -6.89 8.67 4.70
N ALA A 233 -6.24 9.41 3.82
CA ALA A 233 -6.01 9.04 2.39
C ALA A 233 -7.38 8.73 1.71
N TYR A 234 -8.40 9.49 1.92
CA TYR A 234 -9.67 9.12 1.24
C TYR A 234 -9.92 10.10 0.08
N ASP A 235 -9.77 11.38 0.35
CA ASP A 235 -10.14 12.46 -0.56
C ASP A 235 -9.10 12.72 -1.66
N LEU A 236 -9.49 12.80 -2.92
CA LEU A 236 -8.54 13.31 -3.95
C LEU A 236 -9.00 14.64 -4.57
N LYS A 237 -10.06 15.25 -4.06
CA LYS A 237 -10.51 16.58 -4.63
C LYS A 237 -9.44 17.66 -4.56
N GLU A 238 -8.66 17.75 -3.47
CA GLU A 238 -7.68 18.85 -3.49
C GLU A 238 -6.51 18.52 -4.43
N ALA A 239 -6.16 17.21 -4.54
CA ALA A 239 -5.09 16.83 -5.43
C ALA A 239 -5.49 17.14 -6.85
N ALA A 240 -6.74 16.82 -7.19
CA ALA A 240 -7.14 17.11 -8.55
C ALA A 240 -7.06 18.57 -8.92
N ALA A 241 -7.34 19.49 -8.00
CA ALA A 241 -7.30 20.93 -8.26
C ALA A 241 -5.84 21.43 -8.39
N ASN A 242 -4.83 20.65 -7.87
CA ASN A 242 -3.41 21.11 -7.86
C ASN A 242 -2.48 19.85 -7.82
N PRO A 243 -2.37 19.13 -8.98
CA PRO A 243 -1.76 17.80 -8.96
C PRO A 243 -0.23 17.88 -8.68
N ILE A 244 0.34 16.77 -8.20
CA ILE A 244 1.79 16.66 -8.00
C ILE A 244 2.50 16.94 -9.38
N ASP A 245 3.57 17.71 -9.32
CA ASP A 245 4.27 18.07 -10.57
C ASP A 245 5.46 17.10 -10.87
N ARG A 246 5.15 15.81 -11.08
CA ARG A 246 6.17 14.84 -11.40
C ARG A 246 5.48 13.89 -12.33
N GLN A 247 6.25 13.02 -12.97
CA GLN A 247 5.63 12.03 -13.90
C GLN A 247 5.63 10.66 -13.27
N ASN A 248 4.86 9.70 -13.84
CA ASN A 248 4.97 8.29 -13.39
C ASN A 248 4.42 8.15 -11.99
N ILE A 249 3.34 8.87 -11.72
CA ILE A 249 2.75 8.71 -10.44
C ILE A 249 1.31 8.33 -10.43
N ALA A 250 0.85 7.74 -9.33
CA ALA A 250 -0.56 7.46 -9.24
C ALA A 250 -1.10 7.87 -7.89
N TYR A 251 -2.42 7.91 -7.74
CA TYR A 251 -3.01 8.53 -6.49
C TYR A 251 -3.71 7.44 -5.72
N VAL A 252 -3.79 7.60 -4.43
CA VAL A 252 -4.35 6.56 -3.59
C VAL A 252 -5.67 7.03 -2.98
N SER A 253 -6.55 6.06 -2.69
CA SER A 253 -7.69 6.30 -1.77
C SER A 253 -7.92 5.07 -0.92
N HIS A 254 -8.46 5.26 0.30
CA HIS A 254 -8.74 4.09 1.22
C HIS A 254 -10.26 4.18 1.58
N PRO A 255 -11.10 3.79 0.63
CA PRO A 255 -12.59 4.07 0.76
C PRO A 255 -13.21 2.90 1.55
N TYR A 256 -12.95 2.86 2.85
CA TYR A 256 -13.55 1.89 3.73
C TYR A 256 -15.08 2.05 3.77
N PRO A 257 -15.81 1.02 4.22
CA PRO A 257 -17.30 1.12 4.09
C PRO A 257 -17.99 2.29 4.79
N GLN A 258 -17.43 2.79 5.90
CA GLN A 258 -18.16 3.88 6.58
C GLN A 258 -17.50 5.22 6.34
N LYS A 259 -16.59 5.37 5.34
CA LYS A 259 -16.17 6.74 5.04
C LYS A 259 -17.31 7.65 4.55
N VAL A 260 -18.31 7.09 3.83
CA VAL A 260 -19.44 7.92 3.36
C VAL A 260 -20.61 6.99 3.42
N GLY A 261 -21.81 7.52 3.44
CA GLY A 261 -23.00 6.64 3.42
C GLY A 261 -23.63 6.52 2.05
N ALA A 262 -24.85 5.97 2.01
CA ALA A 262 -25.60 5.78 0.75
C ALA A 262 -26.09 7.15 0.05
N PRO A 263 -26.20 7.25 -1.37
CA PRO A 263 -25.80 6.48 -2.75
C PRO A 263 -24.27 6.30 -2.89
N TYR A 264 -23.79 5.12 -2.56
CA TYR A 264 -22.37 5.00 -2.33
C TYR A 264 -21.56 5.32 -3.53
N GLN A 265 -21.97 4.86 -4.71
CA GLN A 265 -21.09 4.96 -5.86
C GLN A 265 -21.02 6.41 -6.26
N ALA A 266 -22.16 7.10 -6.20
CA ALA A 266 -22.08 8.56 -6.60
C ALA A 266 -21.17 9.33 -5.52
N ASN A 267 -21.23 8.95 -4.26
CA ASN A 267 -20.31 9.65 -3.27
C ASN A 267 -18.84 9.24 -3.54
N TRP A 268 -18.59 7.94 -3.77
CA TRP A 268 -17.20 7.55 -4.13
C TRP A 268 -16.67 8.28 -5.35
N GLU A 269 -17.51 8.41 -6.34
CA GLU A 269 -17.10 9.06 -7.62
C GLU A 269 -16.74 10.54 -7.31
N ARG A 270 -17.58 11.24 -6.59
CA ARG A 270 -17.26 12.60 -6.20
C ARG A 270 -15.97 12.79 -5.38
N ASP A 271 -15.70 11.88 -4.44
CA ASP A 271 -14.57 12.09 -3.50
C ASP A 271 -13.23 11.59 -4.10
N PHE A 272 -13.25 10.52 -4.94
CA PHE A 272 -11.98 10.09 -5.49
C PHE A 272 -12.11 9.39 -6.80
N GLY A 273 -13.26 8.78 -7.12
CA GLY A 273 -13.30 7.94 -8.37
C GLY A 273 -13.22 8.76 -9.62
N PHE A 274 -13.64 10.04 -9.57
CA PHE A 274 -13.56 10.92 -10.76
C PHE A 274 -12.05 11.05 -11.13
N ALA A 276 -9.80 8.88 -11.53
CA ALA A 276 -9.40 7.73 -12.38
C ALA A 276 -9.66 7.97 -13.87
N ASP A 277 -10.36 9.06 -14.25
CA ASP A 277 -10.40 9.48 -15.68
C ASP A 277 -9.11 10.14 -16.12
N LYS A 278 -8.31 10.67 -15.19
CA LYS A 278 -7.09 11.33 -15.62
C LYS A 278 -5.77 10.72 -15.12
N TYR A 279 -5.78 9.99 -13.99
CA TYR A 279 -4.52 9.42 -13.44
C TYR A 279 -4.92 8.06 -12.89
N PRO A 280 -3.96 7.11 -12.79
CA PRO A 280 -4.42 5.85 -12.25
C PRO A 280 -4.69 6.04 -10.73
N VAL A 281 -5.64 5.30 -10.22
CA VAL A 281 -6.00 5.41 -8.78
C VAL A 281 -5.83 3.99 -8.25
N PHE A 282 -5.13 3.84 -7.14
CA PHE A 282 -4.87 2.56 -6.49
C PHE A 282 -5.52 2.62 -5.14
N ALA A 283 -6.58 1.85 -4.87
CA ALA A 283 -7.22 1.87 -3.55
C ALA A 283 -6.40 0.84 -2.70
N THR A 284 -5.37 1.32 -1.98
CA THR A 284 -4.35 0.41 -1.40
C THR A 284 -4.82 -0.16 -0.06
N GLU A 285 -6.01 0.25 0.43
CA GLU A 285 -6.65 -0.54 1.52
C GLU A 285 -8.15 -0.48 1.32
N ILE A 286 -8.76 -1.68 1.30
CA ILE A 286 -10.22 -1.73 1.35
C ILE A 286 -10.45 -2.94 2.26
N GLY A 287 -11.62 -3.02 2.91
CA GLY A 287 -11.76 -4.18 3.79
C GLY A 287 -13.04 -3.96 4.58
N TYR A 288 -13.62 -5.07 5.13
CA TYR A 288 -14.90 -4.82 5.86
C TYR A 288 -15.12 -6.03 6.74
N GLN A 289 -15.90 -5.83 7.82
CA GLN A 289 -16.31 -7.05 8.53
C GLN A 289 -17.61 -6.68 9.33
N ARG A 290 -18.27 -7.68 9.91
CA ARG A 290 -19.51 -7.39 10.70
C ARG A 290 -19.20 -6.75 12.04
N ALA A 291 -20.21 -6.04 12.59
CA ALA A 291 -20.04 -5.35 13.90
C ALA A 291 -19.58 -6.28 15.06
N THR A 292 -19.95 -7.55 14.99
CA THR A 292 -19.60 -8.52 16.05
C THR A 292 -18.28 -9.26 15.81
N ASP A 293 -17.61 -9.05 14.68
CA ASP A 293 -16.32 -9.74 14.36
C ASP A 293 -15.18 -9.24 15.22
N LYS A 294 -14.12 -10.03 15.28
CA LYS A 294 -12.96 -9.74 16.12
C LYS A 294 -12.26 -8.40 15.78
N GLY A 295 -12.20 -7.47 16.76
CA GLY A 295 -11.57 -6.15 16.59
C GLY A 295 -12.32 -5.11 15.71
N ALA A 296 -13.60 -5.35 15.40
CA ALA A 296 -14.42 -4.51 14.56
C ALA A 296 -14.47 -3.06 15.07
N HIS A 297 -14.26 -2.05 14.22
CA HIS A 297 -14.19 -0.66 14.64
C HIS A 297 -14.59 0.11 13.37
N ILE A 298 -15.08 1.32 13.56
CA ILE A 298 -15.38 2.26 12.49
C ILE A 298 -14.00 2.61 11.93
N PRO A 299 -13.84 2.70 10.58
CA PRO A 299 -14.83 2.70 9.55
C PRO A 299 -14.97 1.40 8.77
N VAL A 300 -14.69 0.23 9.37
CA VAL A 300 -14.66 -1.02 8.58
C VAL A 300 -15.89 -1.85 8.77
N ILE A 301 -16.91 -1.35 9.48
CA ILE A 301 -18.04 -2.22 9.82
C ILE A 301 -19.07 -2.20 8.71
N ASP A 302 -19.56 -3.36 8.30
CA ASP A 302 -20.54 -3.41 7.24
C ASP A 302 -21.31 -4.76 7.32
N ASP A 303 -22.50 -4.82 6.80
CA ASP A 303 -23.22 -6.12 6.76
C ASP A 303 -22.69 -7.10 5.68
N GLY A 304 -21.95 -6.64 4.66
CA GLY A 304 -21.48 -7.64 3.71
C GLY A 304 -21.78 -7.13 2.29
N SER A 305 -22.70 -6.20 2.11
CA SER A 305 -22.99 -5.76 0.70
C SER A 305 -21.87 -4.81 0.13
N TYR A 306 -21.02 -4.25 1.00
CA TYR A 306 -19.94 -3.40 0.52
C TYR A 306 -19.00 -4.21 -0.39
N GLY A 307 -18.72 -5.49 -0.13
CA GLY A 307 -17.64 -6.17 -0.84
C GLY A 307 -18.00 -6.18 -2.39
N PRO A 308 -19.14 -6.76 -2.78
CA PRO A 308 -19.50 -6.77 -4.23
C PRO A 308 -19.74 -5.37 -4.72
N ARG A 309 -20.25 -4.45 -3.91
CA ARG A 309 -20.57 -3.16 -4.41
C ARG A 309 -19.23 -2.42 -4.79
N ILE A 310 -18.21 -2.50 -3.93
CA ILE A 310 -17.00 -1.72 -4.23
C ILE A 310 -16.12 -2.42 -5.32
N THR A 311 -16.09 -3.76 -5.41
CA THR A 311 -15.22 -4.36 -6.44
C THR A 311 -15.96 -4.18 -7.81
N ASP A 312 -17.30 -4.24 -7.85
CA ASP A 312 -17.98 -3.87 -9.09
C ASP A 312 -17.72 -2.38 -9.48
N TYR A 313 -17.78 -1.47 -8.50
CA TYR A 313 -17.50 -0.08 -8.78
C TYR A 313 -16.04 0.05 -9.33
N PHE A 314 -15.05 -0.58 -8.66
CA PHE A 314 -13.71 -0.48 -9.17
C PHE A 314 -13.56 -1.13 -10.57
N ASN A 315 -14.27 -2.22 -10.81
CA ASN A 315 -14.23 -2.73 -12.27
C ASN A 315 -14.84 -1.73 -13.24
N SER A 316 -15.86 -1.00 -12.81
CA SER A 316 -16.48 -0.01 -13.75
C SER A 316 -15.46 1.10 -14.12
N LYS A 317 -14.47 1.41 -13.24
CA LYS A 317 -13.58 2.58 -13.41
C LYS A 317 -12.15 2.08 -13.78
N GLY A 318 -11.85 0.77 -13.77
CA GLY A 318 -10.47 0.19 -13.97
C GLY A 318 -9.50 0.52 -12.80
N ILE A 319 -10.04 0.68 -11.58
CA ILE A 319 -9.25 1.03 -10.38
C ILE A 319 -8.59 -0.23 -9.78
N SER A 320 -7.27 -0.13 -9.50
CA SER A 320 -6.56 -1.23 -8.86
C SER A 320 -6.80 -1.19 -7.33
N TRP A 321 -6.65 -2.32 -6.62
CA TRP A 321 -6.97 -2.26 -5.18
C TRP A 321 -6.22 -3.34 -4.41
N VAL A 322 -6.10 -3.15 -3.09
CA VAL A 322 -5.42 -4.13 -2.31
C VAL A 322 -6.28 -4.28 -1.00
N ALA A 323 -6.66 -5.51 -0.68
CA ALA A 323 -7.49 -5.73 0.54
C ALA A 323 -6.68 -5.76 1.81
N TRP A 324 -7.26 -5.29 2.91
CA TRP A 324 -6.55 -5.29 4.22
C TRP A 324 -7.38 -6.30 5.11
N VAL A 325 -6.80 -7.30 5.77
CA VAL A 325 -5.34 -7.54 5.78
C VAL A 325 -5.11 -9.03 5.91
N PHE A 326 -4.05 -9.54 5.30
CA PHE A 326 -3.84 -10.99 5.15
C PHE A 326 -3.14 -11.40 6.47
N ASP A 327 -3.91 -11.40 7.57
CA ASP A 327 -3.35 -11.67 8.90
C ASP A 327 -4.54 -12.19 9.74
N PRO A 328 -4.29 -13.08 10.75
CA PRO A 328 -5.50 -13.60 11.51
C PRO A 328 -5.77 -12.76 12.77
N ASP A 329 -4.90 -11.80 13.12
CA ASP A 329 -5.08 -10.97 14.35
C ASP A 329 -5.49 -9.55 14.01
N TRP A 330 -4.80 -8.86 13.08
CA TRP A 330 -5.15 -7.43 12.86
C TRP A 330 -6.50 -7.40 12.15
N SER A 331 -7.26 -6.36 12.40
CA SER A 331 -8.60 -6.26 11.93
C SER A 331 -8.77 -5.31 10.75
N PRO A 332 -9.64 -5.61 9.75
CA PRO A 332 -10.45 -6.79 9.51
C PRO A 332 -9.58 -7.92 8.92
N GLN A 333 -9.72 -9.13 9.43
CA GLN A 333 -8.89 -10.25 9.02
C GLN A 333 -9.38 -10.81 7.64
N LEU A 334 -8.44 -11.23 6.75
CA LEU A 334 -8.85 -11.95 5.54
C LEU A 334 -8.90 -13.48 5.79
N PHE A 335 -8.27 -14.01 6.85
CA PHE A 335 -8.40 -15.45 7.10
C PHE A 335 -8.41 -15.66 8.65
N THR A 336 -8.82 -16.86 9.08
CA THR A 336 -9.13 -16.99 10.54
C THR A 336 -7.95 -17.47 11.33
N ASP A 337 -7.07 -18.31 10.77
CA ASP A 337 -5.91 -18.73 11.60
C ASP A 337 -4.85 -19.28 10.68
N TYR A 338 -3.62 -19.27 11.15
CA TYR A 338 -2.51 -19.75 10.36
C TYR A 338 -2.54 -21.27 10.14
N GLN A 339 -3.25 -22.04 10.95
CA GLN A 339 -3.27 -23.52 10.67
C GLN A 339 -3.98 -23.85 9.37
N THR A 340 -5.04 -23.11 9.02
CA THR A 340 -5.82 -23.49 7.82
C THR A 340 -5.86 -22.38 6.76
N TYR A 341 -5.56 -21.12 7.15
CA TYR A 341 -5.80 -19.98 6.23
C TYR A 341 -7.23 -19.98 5.68
N THR A 342 -8.25 -20.39 6.48
CA THR A 342 -9.63 -20.38 5.94
C THR A 342 -10.08 -18.89 5.78
N PRO A 343 -10.64 -18.52 4.58
CA PRO A 343 -10.99 -17.11 4.30
C PRO A 343 -12.10 -16.70 5.28
N THR A 344 -12.10 -15.49 5.81
CA THR A 344 -13.29 -14.95 6.44
C THR A 344 -14.34 -14.52 5.38
N GLN A 346 -15.00 -11.41 4.26
CA GLN A 346 -14.42 -10.52 3.19
C GLN A 346 -13.35 -11.30 2.42
N GLY A 347 -12.66 -12.21 3.11
CA GLY A 347 -11.55 -12.98 2.46
C GLY A 347 -12.16 -13.83 1.32
N GLU A 348 -13.33 -14.43 1.54
CA GLU A 348 -13.92 -15.29 0.50
C GLU A 348 -14.32 -14.46 -0.71
N HIS A 349 -14.92 -13.26 -0.47
CA HIS A 349 -15.33 -12.42 -1.57
C HIS A 349 -14.07 -11.88 -2.34
N PHE A 350 -13.00 -11.35 -1.67
CA PHE A 350 -11.93 -10.72 -2.44
C PHE A 350 -11.13 -11.82 -3.15
N ARG A 351 -11.00 -12.98 -2.50
CA ARG A 351 -10.28 -14.05 -3.20
C ARG A 351 -11.03 -14.50 -4.50
N LYS A 352 -12.34 -14.62 -4.40
CA LYS A 352 -13.12 -14.98 -5.60
C LYS A 352 -12.96 -13.95 -6.71
N VAL A 353 -12.95 -12.67 -6.34
CA VAL A 353 -12.82 -11.61 -7.37
C VAL A 353 -11.40 -11.63 -7.95
N LEU A 355 -9.27 -14.21 -8.21
CA LEU A 355 -9.05 -15.47 -9.06
C LEU A 355 -9.86 -15.26 -10.36
N GLN A 356 -10.99 -14.58 -10.27
CA GLN A 356 -11.73 -14.43 -11.49
C GLN A 356 -11.24 -13.26 -12.41
N ASP A 357 -10.87 -12.08 -11.88
CA ASP A 357 -10.68 -10.89 -12.67
C ASP A 357 -9.21 -10.61 -12.96
N ASN A 358 -8.23 -11.11 -12.16
CA ASN A 358 -6.82 -10.74 -12.51
C ASN A 358 -6.42 -11.44 -13.82
N LYS A 359 -5.69 -10.77 -14.71
CA LYS A 359 -5.47 -11.26 -16.11
C LYS A 359 -4.10 -11.96 -16.25
#